data_2NPT
#
_entry.id   2NPT
#
_cell.length_a   46.333
_cell.length_b   61.410
_cell.length_c   143.651
_cell.angle_alpha   90.000
_cell.angle_beta   90.000
_cell.angle_gamma   90.000
#
_symmetry.space_group_name_H-M   'P 21 21 21'
#
loop_
_entity.id
_entity.type
_entity.pdbx_description
1 polymer 'Dual specificity mitogen-activated protein kinase kinase 5'
2 polymer 'Mitogen-activated protein kinase kinase kinase 2'
3 water water
#
loop_
_entity_poly.entity_id
_entity_poly.type
_entity_poly.pdbx_seq_one_letter_code
_entity_poly.pdbx_strand_id
1 'polypeptide(L)'
;SMALGPFPAMENQVLVIRIKIPNSGAVDWTVHSGPQLLFRDVLDVIGQVLPEATTTAFEYEDEDGDRITVRSDEEMKAML
SYYYSTVMEQQVNGQLIEPLQIFPRA
;
A,C
2 'polypeptide(L)'
;SMSLQETRKAKSSSPKKQNDVRVKFEHRGEKRILQFPRPVKLEDLRSKAKIAFGQSMDLHYTNNELVIPLTTQDDLDKAV
ELLDRSIHMKSLKILLVING
;
B,D
#
# COMPACT_ATOMS: atom_id res chain seq x y z
N SER A 1 22.89 -23.99 -32.41
CA SER A 1 22.27 -22.74 -32.92
C SER A 1 22.37 -21.61 -31.88
N MET A 2 22.35 -20.37 -32.34
CA MET A 2 22.45 -19.19 -31.48
C MET A 2 21.26 -18.26 -31.68
N ALA A 3 20.73 -17.77 -30.57
CA ALA A 3 19.65 -16.80 -30.56
C ALA A 3 19.92 -15.72 -29.52
N LEU A 4 19.29 -14.56 -29.69
CA LEU A 4 19.40 -13.53 -28.67
C LEU A 4 18.66 -13.93 -27.41
N GLY A 5 19.35 -13.77 -26.28
CA GLY A 5 18.71 -13.87 -25.00
C GLY A 5 18.05 -12.54 -24.65
N PRO A 6 17.47 -12.48 -23.44
CA PRO A 6 16.83 -11.27 -22.92
C PRO A 6 17.84 -10.18 -22.71
N PHE A 7 17.43 -8.95 -23.06
CA PHE A 7 18.14 -7.73 -22.68
C PHE A 7 17.41 -7.23 -21.41
N PRO A 8 18.04 -7.32 -20.24
CA PRO A 8 17.40 -6.78 -19.01
C PRO A 8 17.10 -5.28 -19.07
N ALA A 9 16.05 -4.84 -18.37
CA ALA A 9 15.72 -3.40 -18.24
C ALA A 9 17.00 -2.66 -17.86
N MET A 10 17.64 -3.13 -16.80
CA MET A 10 19.02 -2.81 -16.48
C MET A 10 19.63 -3.95 -15.67
N GLN A 13 23.44 -2.48 -11.38
CA GLN A 13 22.28 -3.06 -12.05
C GLN A 13 21.02 -3.14 -11.16
N VAL A 14 21.15 -2.82 -9.87
CA VAL A 14 19.99 -2.82 -8.97
C VAL A 14 19.37 -1.43 -9.02
N LEU A 15 18.05 -1.34 -8.84
CA LEU A 15 17.38 -0.03 -8.87
C LEU A 15 17.44 0.61 -7.49
N VAL A 16 17.97 1.82 -7.45
CA VAL A 16 17.94 2.67 -6.28
C VAL A 16 17.03 3.87 -6.58
N ILE A 17 16.00 4.05 -5.77
CA ILE A 17 15.15 5.24 -5.79
C ILE A 17 15.57 6.14 -4.63
N ARG A 18 16.06 7.35 -4.96
CA ARG A 18 16.43 8.33 -3.96
C ARG A 18 15.22 9.20 -3.68
N ILE A 19 14.64 9.06 -2.48
CA ILE A 19 13.46 9.85 -2.11
C ILE A 19 13.98 11.11 -1.40
N LYS A 20 13.93 12.24 -2.09
CA LYS A 20 14.43 13.49 -1.54
C LYS A 20 13.36 14.15 -0.64
N ILE A 21 13.72 14.40 0.61
CA ILE A 21 12.78 14.91 1.61
C ILE A 21 13.05 16.38 1.92
N PRO A 22 12.01 17.26 1.83
CA PRO A 22 12.23 18.70 2.00
C PRO A 22 12.96 19.06 3.28
N ASN A 23 14.09 19.74 3.12
CA ASN A 23 14.87 20.25 4.26
C ASN A 23 15.24 19.21 5.32
N SER A 24 15.38 17.95 4.89
CA SER A 24 15.53 16.85 5.83
C SER A 24 16.53 15.77 5.45
N GLY A 25 16.80 15.63 4.15
CA GLY A 25 17.84 14.76 3.62
C GLY A 25 17.22 13.96 2.48
N ALA A 26 17.76 12.77 2.28
CA ALA A 26 17.26 11.82 1.27
C ALA A 26 17.41 10.39 1.81
N VAL A 27 16.50 9.53 1.37
CA VAL A 27 16.53 8.09 1.70
C VAL A 27 16.72 7.34 0.37
N ASP A 28 17.75 6.52 0.33
CA ASP A 28 18.06 5.68 -0.83
C ASP A 28 17.45 4.32 -0.61
N TRP A 29 16.42 4.01 -1.40
CA TRP A 29 15.70 2.77 -1.30
C TRP A 29 16.17 1.85 -2.44
N THR A 30 16.84 0.77 -2.07
CA THR A 30 17.28 -0.22 -3.04
C THR A 30 16.15 -1.22 -3.27
N VAL A 31 15.65 -1.25 -4.51
CA VAL A 31 14.45 -1.98 -4.84
C VAL A 31 14.81 -3.37 -5.33
N HIS A 32 14.25 -4.37 -4.65
CA HIS A 32 14.33 -5.79 -5.04
C HIS A 32 13.44 -6.07 -6.23
N SER A 33 14.02 -6.65 -7.28
CA SER A 33 13.22 -7.23 -8.38
C SER A 33 12.84 -8.66 -8.00
N GLN A 36 7.01 -6.54 -10.34
CA GLN A 36 6.80 -5.20 -10.85
C GLN A 36 6.70 -4.25 -9.67
N LEU A 37 7.43 -3.14 -9.77
CA LEU A 37 7.29 -2.01 -8.83
C LEU A 37 6.01 -1.23 -9.11
N LEU A 38 5.14 -1.19 -8.11
CA LEU A 38 3.86 -0.52 -8.22
C LEU A 38 3.86 0.89 -7.63
N PHE A 39 3.08 1.76 -8.22
CA PHE A 39 2.84 3.11 -7.70
C PHE A 39 2.45 3.11 -6.23
N ARG A 40 1.50 2.22 -5.88
CA ARG A 40 1.06 2.05 -4.51
C ARG A 40 2.25 1.82 -3.57
N ASP A 41 3.21 1.00 -4.01
CA ASP A 41 4.31 0.57 -3.15
C ASP A 41 5.26 1.76 -2.91
N VAL A 42 5.44 2.57 -3.95
CA VAL A 42 6.26 3.79 -3.80
C VAL A 42 5.62 4.75 -2.80
N LEU A 43 4.32 4.95 -2.90
CA LEU A 43 3.60 5.79 -1.93
C LEU A 43 3.72 5.23 -0.50
N ASP A 44 3.73 3.92 -0.39
CA ASP A 44 3.82 3.29 0.93
CA ASP A 44 3.82 3.27 0.92
C ASP A 44 5.19 3.57 1.57
N VAL A 45 6.25 3.44 0.79
CA VAL A 45 7.59 3.74 1.27
C VAL A 45 7.72 5.23 1.63
N ILE A 46 7.22 6.13 0.78
CA ILE A 46 7.21 7.56 1.08
C ILE A 46 6.47 7.79 2.42
N GLY A 47 5.36 7.10 2.64
CA GLY A 47 4.62 7.30 3.88
C GLY A 47 5.35 6.83 5.12
N GLN A 48 6.24 5.85 4.97
CA GLN A 48 7.12 5.44 6.05
C GLN A 48 8.22 6.49 6.37
N VAL A 49 8.87 7.03 5.33
CA VAL A 49 10.03 7.89 5.53
C VAL A 49 9.65 9.34 5.77
N LEU A 50 8.44 9.70 5.35
CA LEU A 50 7.92 11.05 5.50
C LEU A 50 6.56 10.89 6.21
N PRO A 51 6.58 10.47 7.49
CA PRO A 51 5.36 9.96 8.12
C PRO A 51 4.33 11.00 8.59
N GLU A 52 4.73 12.26 8.73
CA GLU A 52 3.84 13.31 9.25
C GLU A 52 3.36 14.23 8.15
N ALA A 53 3.57 13.82 6.90
CA ALA A 53 2.87 14.35 5.75
C ALA A 53 1.96 13.27 5.19
N THR A 54 1.04 13.69 4.33
CA THR A 54 0.29 12.72 3.54
C THR A 54 0.72 12.99 2.10
N THR A 55 1.03 11.90 1.41
CA THR A 55 1.62 11.98 0.09
C THR A 55 0.71 11.21 -0.86
N THR A 56 0.22 11.94 -1.86
CA THR A 56 -0.65 11.35 -2.87
C THR A 56 0.08 11.10 -4.21
N ALA A 57 1.21 11.76 -4.37
CA ALA A 57 1.97 11.70 -5.60
C ALA A 57 3.46 12.00 -5.38
N PHE A 58 4.23 11.86 -6.44
CA PHE A 58 5.61 12.37 -6.40
C PHE A 58 6.03 12.86 -7.77
N GLU A 59 7.14 13.57 -7.80
CA GLU A 59 7.73 14.11 -9.01
C GLU A 59 9.11 13.52 -9.33
N TYR A 60 9.47 13.53 -10.61
CA TYR A 60 10.82 13.28 -11.04
C TYR A 60 11.19 14.32 -12.09
N GLU A 61 12.47 14.42 -12.38
CA GLU A 61 12.97 15.36 -13.41
CA GLU A 61 12.96 15.35 -13.41
C GLU A 61 13.21 14.62 -14.71
N ASP A 62 12.64 15.12 -15.81
CA ASP A 62 12.81 14.47 -17.09
C ASP A 62 14.05 15.02 -17.82
N GLU A 63 14.25 14.56 -19.04
CA GLU A 63 15.41 14.95 -19.83
C GLU A 63 15.48 16.43 -20.22
N ASP A 64 14.36 17.14 -20.12
CA ASP A 64 14.26 18.57 -20.36
C ASP A 64 14.47 19.35 -19.06
N GLY A 65 14.71 18.65 -17.96
CA GLY A 65 14.84 19.28 -16.65
C GLY A 65 13.50 19.69 -16.01
N ASP A 66 12.38 19.21 -16.57
CA ASP A 66 11.04 19.56 -16.04
C ASP A 66 10.63 18.58 -14.94
N ARG A 67 9.94 19.08 -13.92
CA ARG A 67 9.33 18.23 -12.91
C ARG A 67 8.02 17.63 -13.44
N ILE A 68 8.01 16.30 -13.49
CA ILE A 68 6.91 15.48 -13.94
C ILE A 68 6.28 14.82 -12.72
N THR A 69 4.97 14.99 -12.62
CA THR A 69 4.18 14.37 -11.54
C THR A 69 3.71 12.97 -11.95
N VAL A 70 3.80 12.03 -11.00
CA VAL A 70 3.37 10.66 -11.24
C VAL A 70 2.18 10.39 -10.28
N ARG A 71 1.08 9.95 -10.86
CA ARG A 71 -0.19 9.68 -10.13
C ARG A 71 -0.79 8.32 -10.46
N SER A 72 -0.05 7.47 -11.15
CA SER A 72 -0.58 6.22 -11.68
C SER A 72 0.51 5.23 -12.02
N ASP A 73 0.15 3.96 -12.12
CA ASP A 73 1.10 2.95 -12.59
C ASP A 73 1.55 3.11 -14.06
N GLU A 74 0.65 3.57 -14.93
CA GLU A 74 1.03 3.80 -16.31
CA GLU A 74 0.99 3.84 -16.30
C GLU A 74 2.10 4.91 -16.32
N GLU A 75 1.95 5.92 -15.47
CA GLU A 75 2.93 7.02 -15.39
C GLU A 75 4.25 6.52 -14.79
N MET A 76 4.13 5.63 -13.80
CA MET A 76 5.31 4.95 -13.27
C MET A 76 6.12 4.24 -14.33
N LYS A 77 5.42 3.48 -15.17
CA LYS A 77 6.08 2.74 -16.24
C LYS A 77 6.85 3.68 -17.22
N ALA A 78 6.24 4.81 -17.58
CA ALA A 78 6.92 5.80 -18.44
C ALA A 78 8.16 6.39 -17.72
N MET A 79 8.06 6.65 -16.42
CA MET A 79 9.21 7.14 -15.68
C MET A 79 10.33 6.10 -15.68
N LEU A 80 9.98 4.86 -15.31
CA LEU A 80 10.97 3.80 -15.28
C LEU A 80 11.63 3.56 -16.63
N SER A 81 10.84 3.57 -17.70
CA SER A 81 11.36 3.29 -19.02
C SER A 81 12.41 4.33 -19.40
N TYR A 82 12.13 5.59 -19.15
CA TYR A 82 13.08 6.66 -19.40
C TYR A 82 14.36 6.49 -18.58
N TYR A 83 14.18 6.18 -17.30
CA TYR A 83 15.31 5.99 -16.38
C TYR A 83 16.25 4.87 -16.91
N TYR A 84 15.65 3.74 -17.23
CA TYR A 84 16.37 2.56 -17.73
C TYR A 84 17.13 2.90 -18.99
N SER A 85 16.53 3.69 -19.88
CA SER A 85 17.21 4.08 -21.13
C SER A 85 18.39 4.99 -20.84
N THR A 86 18.25 5.87 -19.84
CA THR A 86 19.39 6.72 -19.45
C THR A 86 20.52 5.87 -18.82
N VAL A 87 20.18 4.96 -17.91
CA VAL A 87 21.15 4.07 -17.27
C VAL A 87 21.90 3.21 -18.30
N MET A 88 21.19 2.66 -19.27
CA MET A 88 21.83 1.88 -20.34
C MET A 88 22.86 2.68 -21.19
N GLU A 89 22.51 3.92 -21.56
CA GLU A 89 23.47 4.84 -22.22
C GLU A 89 24.76 5.03 -21.40
N GLN A 90 24.59 5.32 -20.12
CA GLN A 90 25.72 5.52 -19.22
C GLN A 90 26.50 4.26 -18.87
N GLN A 91 25.81 3.14 -18.72
CA GLN A 91 26.48 1.88 -18.46
C GLN A 91 27.49 1.56 -19.58
N VAL A 92 27.07 1.77 -20.82
CA VAL A 92 27.89 1.54 -22.01
C VAL A 92 29.08 2.49 -22.15
N ASN A 93 29.09 3.58 -21.41
CA ASN A 93 30.18 4.57 -21.48
C ASN A 93 30.98 4.62 -20.18
N GLY A 94 30.58 3.80 -19.23
CA GLY A 94 31.25 3.74 -17.92
C GLY A 94 31.03 4.99 -17.10
N GLN A 95 29.97 5.75 -17.44
CA GLN A 95 29.65 6.94 -16.69
C GLN A 95 29.05 6.51 -15.39
N LEU A 96 29.14 7.35 -14.39
CA LEU A 96 28.58 7.05 -13.10
C LEU A 96 27.07 7.03 -13.30
N ILE A 97 26.46 5.98 -12.75
CA ILE A 97 25.02 5.85 -12.72
C ILE A 97 24.54 6.49 -11.44
N GLU A 98 23.57 7.39 -11.57
CA GLU A 98 22.91 7.93 -10.41
C GLU A 98 21.53 7.26 -10.14
N PRO A 99 21.08 7.26 -8.89
CA PRO A 99 19.77 6.73 -8.59
C PRO A 99 18.66 7.57 -9.23
N LEU A 100 17.50 6.97 -9.26
CA LEU A 100 16.28 7.62 -9.73
C LEU A 100 15.73 8.46 -8.60
N GLN A 101 15.80 9.77 -8.76
CA GLN A 101 15.43 10.68 -7.69
C GLN A 101 13.98 11.13 -7.83
N ILE A 102 13.24 10.99 -6.74
CA ILE A 102 11.86 11.45 -6.63
C ILE A 102 11.62 12.40 -5.47
N PHE A 103 10.59 13.22 -5.64
CA PHE A 103 10.24 14.30 -4.76
C PHE A 103 8.78 14.11 -4.33
N PRO A 104 8.53 13.75 -3.06
CA PRO A 104 7.11 13.61 -2.66
C PRO A 104 6.29 14.89 -2.84
N ARG A 105 5.04 14.69 -3.18
CA ARG A 105 4.14 15.74 -3.55
C ARG A 105 2.84 15.57 -2.77
N ALA A 106 2.43 16.64 -2.10
CA ALA A 106 1.09 16.73 -1.53
C ALA A 106 0.02 16.48 -2.59
N ASN B 19 -0.59 -13.45 33.57
CA ASN B 19 -1.40 -13.95 32.43
C ASN B 19 -2.49 -12.94 31.99
N ASP B 20 -2.32 -12.44 30.78
CA ASP B 20 -2.94 -11.20 30.35
C ASP B 20 -4.46 -11.26 30.24
N VAL B 21 -5.05 -10.08 30.31
CA VAL B 21 -6.49 -9.89 30.10
C VAL B 21 -6.63 -9.39 28.65
N ARG B 22 -7.45 -10.09 27.89
CA ARG B 22 -7.74 -9.61 26.53
C ARG B 22 -8.84 -8.59 26.64
N VAL B 23 -8.62 -7.48 25.96
CA VAL B 23 -9.57 -6.37 25.87
C VAL B 23 -10.00 -6.15 24.45
N LYS B 24 -11.31 -6.19 24.25
CA LYS B 24 -11.92 -5.97 22.95
C LYS B 24 -12.51 -4.54 22.93
N PHE B 25 -11.84 -3.68 22.18
CA PHE B 25 -12.26 -2.30 22.01
C PHE B 25 -13.18 -2.22 20.78
N GLU B 26 -14.12 -1.33 20.83
CA GLU B 26 -15.00 -1.07 19.68
C GLU B 26 -15.21 0.40 19.45
N HIS B 27 -15.05 0.83 18.21
CA HIS B 27 -15.36 2.19 17.83
C HIS B 27 -15.90 2.21 16.40
N ARG B 28 -17.16 2.62 16.28
CA ARG B 28 -17.85 2.74 15.00
C ARG B 28 -17.74 1.50 14.14
N GLY B 29 -18.10 0.36 14.73
CA GLY B 29 -18.11 -0.89 14.01
C GLY B 29 -16.74 -1.56 13.92
N GLU B 30 -15.65 -0.84 14.21
CA GLU B 30 -14.30 -1.47 14.15
C GLU B 30 -13.96 -2.02 15.52
N LYS B 31 -13.55 -3.29 15.56
CA LYS B 31 -13.16 -3.92 16.81
C LYS B 31 -11.70 -4.31 16.77
N ARG B 32 -11.07 -4.24 17.94
CA ARG B 32 -9.65 -4.45 18.09
C ARG B 32 -9.47 -5.20 19.39
N ILE B 33 -8.54 -6.15 19.40
CA ILE B 33 -8.22 -6.94 20.62
C ILE B 33 -6.75 -6.76 20.94
N LEU B 34 -6.52 -6.35 22.17
CA LEU B 34 -5.20 -6.20 22.73
C LEU B 34 -5.10 -6.95 24.05
N GLN B 35 -3.89 -7.40 24.35
CA GLN B 35 -3.61 -8.09 25.60
C GLN B 35 -3.02 -7.07 26.57
N PHE B 36 -3.51 -7.13 27.81
CA PHE B 36 -3.09 -6.24 28.86
C PHE B 36 -2.60 -7.04 30.05
N PRO B 37 -1.39 -6.73 30.55
CA PRO B 37 -0.85 -7.51 31.64
C PRO B 37 -1.51 -7.09 32.93
N ARG B 38 -1.74 -8.05 33.80
CA ARG B 38 -2.34 -7.79 35.09
C ARG B 38 -1.33 -7.17 36.06
N PRO B 39 -1.76 -6.22 36.90
CA PRO B 39 -3.09 -5.65 37.02
C PRO B 39 -3.41 -4.70 35.88
N VAL B 40 -4.62 -4.83 35.33
CA VAL B 40 -5.06 -3.99 34.26
C VAL B 40 -5.33 -2.61 34.83
N LYS B 41 -4.61 -1.60 34.32
CA LYS B 41 -4.78 -0.23 34.81
C LYS B 41 -5.61 0.66 33.88
N LEU B 42 -6.49 1.50 34.46
CA LEU B 42 -7.36 2.37 33.66
C LEU B 42 -6.56 3.26 32.69
N GLU B 43 -5.47 3.83 33.20
CA GLU B 43 -4.60 4.66 32.38
C GLU B 43 -3.99 3.88 31.20
N ASP B 44 -3.74 2.59 31.35
CA ASP B 44 -3.19 1.75 30.26
C ASP B 44 -4.25 1.55 29.17
N LEU B 45 -5.47 1.28 29.59
CA LEU B 45 -6.59 1.20 28.63
C LEU B 45 -6.73 2.49 27.84
N ARG B 46 -6.71 3.62 28.56
CA ARG B 46 -6.79 4.94 27.92
C ARG B 46 -5.65 5.20 26.94
N SER B 47 -4.40 4.91 27.32
CA SER B 47 -3.27 5.14 26.41
C SER B 47 -3.32 4.24 25.18
N LYS B 48 -3.57 2.95 25.37
CA LYS B 48 -3.60 1.99 24.24
C LYS B 48 -4.82 2.25 23.32
N ALA B 49 -5.95 2.67 23.88
CA ALA B 49 -7.08 3.09 23.03
C ALA B 49 -6.70 4.25 22.12
N LYS B 50 -5.95 5.21 22.68
CA LYS B 50 -5.51 6.40 21.96
C LYS B 50 -4.59 6.04 20.79
N ILE B 51 -3.63 5.20 21.06
CA ILE B 51 -2.69 4.75 20.01
C ILE B 51 -3.44 3.92 18.95
N ALA B 52 -4.32 3.01 19.39
CA ALA B 52 -5.05 2.11 18.50
C ALA B 52 -5.90 2.87 17.48
N PHE B 53 -6.61 3.91 17.93
CA PHE B 53 -7.46 4.69 17.03
C PHE B 53 -6.93 6.10 16.67
N GLY B 54 -5.72 6.42 17.10
CA GLY B 54 -5.01 7.62 16.65
C GLY B 54 -5.53 8.94 17.23
N GLN B 55 -6.26 8.85 18.34
CA GLN B 55 -6.72 10.04 19.05
C GLN B 55 -7.36 9.63 20.37
N SER B 56 -7.40 10.58 21.29
CA SER B 56 -7.98 10.41 22.62
C SER B 56 -9.43 9.90 22.57
N MET B 57 -9.67 8.87 23.36
CA MET B 57 -10.93 8.17 23.38
C MET B 57 -11.47 8.07 24.82
N ASP B 58 -12.79 8.23 24.98
CA ASP B 58 -13.49 7.93 26.23
C ASP B 58 -13.86 6.46 26.23
N LEU B 59 -13.74 5.85 27.41
CA LEU B 59 -13.99 4.42 27.64
C LEU B 59 -15.36 4.21 28.27
N HIS B 60 -16.09 3.26 27.70
CA HIS B 60 -17.35 2.76 28.24
C HIS B 60 -17.28 1.24 28.38
N TYR B 61 -17.58 0.74 29.58
CA TYR B 61 -17.59 -0.67 29.86
C TYR B 61 -18.94 -1.18 29.44
N THR B 62 -18.94 -2.34 28.76
CA THR B 62 -20.20 -2.97 28.36
C THR B 62 -20.27 -4.38 28.88
N ASN B 63 -21.46 -4.77 29.35
CA ASN B 63 -21.72 -6.16 29.72
C ASN B 63 -23.16 -6.56 29.45
N ASN B 64 -23.31 -7.45 28.46
CA ASN B 64 -24.59 -7.79 27.90
C ASN B 64 -25.41 -6.52 27.54
N GLU B 65 -26.44 -6.16 28.32
CA GLU B 65 -27.29 -5.03 27.98
C GLU B 65 -26.82 -3.72 28.64
N LEU B 66 -25.84 -3.82 29.53
CA LEU B 66 -25.39 -2.70 30.35
C LEU B 66 -24.24 -1.96 29.65
N VAL B 67 -24.29 -0.64 29.69
CA VAL B 67 -23.17 0.20 29.34
C VAL B 67 -22.96 1.30 30.40
N ILE B 68 -21.72 1.47 30.84
CA ILE B 68 -21.41 2.51 31.82
C ILE B 68 -20.08 3.19 31.45
N PRO B 69 -19.98 4.50 31.66
CA PRO B 69 -18.68 5.15 31.45
C PRO B 69 -17.70 4.57 32.45
N LEU B 70 -16.50 4.22 31.97
CA LEU B 70 -15.47 3.59 32.80
C LEU B 70 -14.55 4.69 33.30
N THR B 71 -14.84 5.14 34.51
CA THR B 71 -14.23 6.37 35.06
C THR B 71 -13.29 6.13 36.20
N THR B 72 -13.36 4.97 36.82
CA THR B 72 -12.53 4.68 37.97
C THR B 72 -11.84 3.33 37.86
N GLN B 73 -10.69 3.20 38.51
CA GLN B 73 -10.00 1.92 38.64
C GLN B 73 -10.87 0.89 39.39
N ASP B 74 -11.66 1.36 40.35
CA ASP B 74 -12.61 0.50 41.08
C ASP B 74 -13.56 -0.29 40.16
N ASP B 75 -14.14 0.44 39.22
CA ASP B 75 -15.11 -0.15 38.29
C ASP B 75 -14.40 -1.10 37.36
N LEU B 76 -13.21 -0.71 36.91
CA LEU B 76 -12.39 -1.61 36.09
C LEU B 76 -12.07 -2.91 36.82
N ASP B 77 -11.68 -2.83 38.09
CA ASP B 77 -11.43 -4.04 38.87
C ASP B 77 -12.63 -4.95 38.99
N LYS B 78 -13.83 -4.38 39.18
CA LYS B 78 -15.06 -5.16 39.22
C LYS B 78 -15.35 -5.85 37.88
N ALA B 79 -15.11 -5.11 36.80
CA ALA B 79 -15.26 -5.64 35.45
C ALA B 79 -14.31 -6.83 35.22
N VAL B 80 -13.06 -6.68 35.63
CA VAL B 80 -12.11 -7.81 35.48
C VAL B 80 -12.57 -9.01 36.34
N GLU B 81 -13.00 -8.72 37.56
CA GLU B 81 -13.52 -9.75 38.45
C GLU B 81 -14.67 -10.54 37.82
N LEU B 82 -15.61 -9.86 37.16
CA LEU B 82 -16.74 -10.58 36.52
C LEU B 82 -16.24 -11.48 35.38
N LEU B 83 -15.29 -10.96 34.62
CA LEU B 83 -14.71 -11.71 33.51
C LEU B 83 -14.05 -13.00 34.03
N ASP B 84 -13.36 -12.90 35.17
CA ASP B 84 -12.67 -14.04 35.73
C ASP B 84 -13.64 -15.14 36.20
N ARG B 85 -14.82 -14.75 36.66
CA ARG B 85 -15.87 -15.68 37.02
C ARG B 85 -16.49 -16.39 35.83
N SER B 86 -16.27 -15.89 34.62
CA SER B 86 -17.15 -16.25 33.51
C SER B 86 -16.67 -17.42 32.66
N ILE B 87 -17.65 -18.11 32.08
CA ILE B 87 -17.43 -19.16 31.06
C ILE B 87 -17.81 -18.68 29.65
N HIS B 88 -18.78 -17.75 29.59
CA HIS B 88 -19.41 -17.33 28.33
C HIS B 88 -18.72 -16.16 27.59
N MET B 89 -17.75 -15.53 28.26
CA MET B 89 -16.93 -14.46 27.65
C MET B 89 -15.46 -14.58 28.06
N LYS B 90 -14.58 -14.14 27.16
CA LYS B 90 -13.14 -14.31 27.30
C LYS B 90 -12.36 -13.00 27.03
N SER B 91 -13.09 -11.87 26.91
CA SER B 91 -12.49 -10.57 26.74
C SER B 91 -13.33 -9.53 27.48
N LEU B 92 -12.66 -8.47 27.90
CA LEU B 92 -13.26 -7.31 28.55
C LEU B 92 -13.74 -6.37 27.45
N LYS B 93 -15.03 -6.08 27.42
CA LYS B 93 -15.62 -5.33 26.29
C LYS B 93 -15.65 -3.84 26.62
N ILE B 94 -14.95 -3.06 25.80
CA ILE B 94 -14.83 -1.62 25.99
C ILE B 94 -15.28 -0.92 24.73
N LEU B 95 -16.32 -0.11 24.88
CA LEU B 95 -16.82 0.74 23.80
C LEU B 95 -16.16 2.12 23.90
N LEU B 96 -15.77 2.67 22.76
CA LEU B 96 -14.99 3.90 22.70
C LEU B 96 -15.72 5.01 21.99
N VAL B 97 -15.56 6.22 22.51
CA VAL B 97 -16.16 7.40 21.91
C VAL B 97 -15.06 8.47 21.83
N ILE B 98 -14.91 9.12 20.69
CA ILE B 98 -13.93 10.21 20.55
C ILE B 98 -14.20 11.27 21.64
N ASN B 99 -13.16 11.85 22.24
CA ASN B 99 -13.40 12.87 23.28
C ASN B 99 -12.70 14.20 23.07
N GLY B 100 -12.22 14.44 21.86
CA GLY B 100 -11.59 15.72 21.55
C GLY B 100 -12.59 16.59 20.84
N SER C 1 15.35 -36.00 32.13
CA SER C 1 14.26 -35.18 32.73
C SER C 1 13.12 -35.00 31.74
N MET C 2 11.90 -34.91 32.25
CA MET C 2 10.70 -34.73 31.42
C MET C 2 10.02 -33.43 31.80
N ALA C 3 9.60 -32.68 30.80
CA ALA C 3 8.81 -31.50 31.02
C ALA C 3 7.73 -31.40 29.94
N LEU C 4 6.69 -30.65 30.24
CA LEU C 4 5.67 -30.34 29.25
C LEU C 4 6.31 -29.59 28.07
N GLY C 5 5.91 -29.98 26.87
CA GLY C 5 6.21 -29.20 25.67
C GLY C 5 5.63 -27.79 25.69
N PRO C 6 6.16 -26.91 24.82
CA PRO C 6 5.68 -25.53 24.75
C PRO C 6 4.24 -25.45 24.21
N PHE C 7 3.43 -24.46 24.63
CA PHE C 7 2.10 -24.30 24.07
C PHE C 7 2.24 -24.05 22.57
N PRO C 8 1.34 -24.62 21.73
CA PRO C 8 1.42 -24.36 20.28
C PRO C 8 1.64 -22.89 19.91
N ALA C 9 2.63 -22.64 19.08
CA ALA C 9 2.98 -21.32 18.66
C ALA C 9 3.83 -21.43 17.42
N MET C 10 4.05 -20.30 16.76
CA MET C 10 4.77 -20.34 15.49
C MET C 10 6.12 -21.02 15.60
N GLU C 11 6.77 -20.90 16.76
CA GLU C 11 8.13 -21.42 16.93
C GLU C 11 8.15 -22.94 16.94
N ASN C 12 7.01 -23.56 17.23
CA ASN C 12 6.99 -25.01 17.37
C ASN C 12 6.00 -25.72 16.43
N GLN C 13 5.38 -24.93 15.55
CA GLN C 13 4.26 -25.38 14.74
C GLN C 13 4.38 -24.53 13.46
N VAL C 14 4.29 -25.13 12.27
CA VAL C 14 4.32 -24.33 11.03
C VAL C 14 2.93 -23.69 10.88
N LEU C 15 2.93 -22.38 10.66
CA LEU C 15 1.68 -21.62 10.55
C LEU C 15 1.27 -21.50 9.07
N VAL C 16 0.00 -21.74 8.79
CA VAL C 16 -0.56 -21.48 7.48
C VAL C 16 -1.65 -20.39 7.69
N ILE C 17 -1.54 -19.32 6.94
CA ILE C 17 -2.48 -18.22 6.92
C ILE C 17 -3.28 -18.34 5.63
N ARG C 18 -4.61 -18.40 5.73
CA ARG C 18 -5.48 -18.45 4.56
C ARG C 18 -6.02 -17.05 4.39
N ILE C 19 -5.59 -16.41 3.31
CA ILE C 19 -6.02 -15.07 2.97
C ILE C 19 -7.24 -15.15 2.06
N LYS C 20 -8.40 -14.75 2.59
CA LYS C 20 -9.67 -14.79 1.84
C LYS C 20 -9.86 -13.51 1.12
N ILE C 21 -9.73 -13.56 -0.22
CA ILE C 21 -9.67 -12.38 -1.11
C ILE C 21 -11.07 -12.02 -1.61
N PRO C 22 -11.40 -10.69 -1.56
CA PRO C 22 -12.74 -10.19 -1.91
C PRO C 22 -13.22 -10.66 -3.28
N ASN C 23 -14.37 -11.33 -3.28
CA ASN C 23 -14.97 -11.76 -4.54
C ASN C 23 -14.03 -12.65 -5.39
N SER C 24 -13.04 -13.33 -4.78
CA SER C 24 -11.95 -13.93 -5.61
C SER C 24 -11.44 -15.31 -5.23
N GLY C 25 -11.76 -15.80 -4.03
CA GLY C 25 -11.20 -17.08 -3.54
C GLY C 25 -10.13 -16.81 -2.49
N ALA C 26 -9.33 -17.82 -2.19
CA ALA C 26 -8.40 -17.77 -1.07
C ALA C 26 -7.03 -18.28 -1.52
N VAL C 27 -6.00 -17.78 -0.85
CA VAL C 27 -4.61 -18.22 -0.99
C VAL C 27 -4.13 -18.68 0.38
N ASP C 28 -3.41 -19.79 0.39
CA ASP C 28 -2.81 -20.35 1.57
C ASP C 28 -1.31 -20.05 1.56
N TRP C 29 -0.92 -19.28 2.57
CA TRP C 29 0.47 -18.90 2.79
C TRP C 29 1.04 -19.76 3.92
N THR C 30 1.94 -20.65 3.57
CA THR C 30 2.67 -21.44 4.54
C THR C 30 3.89 -20.63 4.98
N VAL C 31 3.91 -20.23 6.24
CA VAL C 31 4.81 -19.17 6.69
C VAL C 31 6.20 -19.77 7.06
N HIS C 32 7.24 -19.08 6.58
CA HIS C 32 8.62 -19.59 6.67
C HIS C 32 9.24 -19.29 8.01
N GLN C 36 10.54 -14.16 13.38
CA GLN C 36 9.24 -13.69 13.86
C GLN C 36 8.41 -13.11 12.71
N LEU C 37 7.08 -13.30 12.80
CA LEU C 37 6.14 -12.75 11.79
C LEU C 37 5.66 -11.34 12.18
N LEU C 38 5.87 -10.37 11.29
CA LEU C 38 5.50 -8.98 11.57
C LEU C 38 4.21 -8.56 10.84
N PHE C 39 3.48 -7.61 11.42
CA PHE C 39 2.28 -7.06 10.81
C PHE C 39 2.61 -6.62 9.36
N ARG C 40 3.72 -5.91 9.19
CA ARG C 40 4.13 -5.48 7.85
C ARG C 40 4.44 -6.60 6.90
N ASP C 41 4.88 -7.75 7.39
CA ASP C 41 5.15 -8.92 6.54
C ASP C 41 3.84 -9.44 5.96
N VAL C 42 2.81 -9.44 6.78
CA VAL C 42 1.47 -9.90 6.34
C VAL C 42 0.92 -8.94 5.31
N LEU C 43 0.97 -7.63 5.58
CA LEU C 43 0.54 -6.65 4.56
C LEU C 43 1.31 -6.82 3.24
N ASP C 44 2.62 -7.11 3.29
CA ASP C 44 3.42 -7.24 2.09
C ASP C 44 2.91 -8.37 1.24
N VAL C 45 2.61 -9.51 1.87
CA VAL C 45 2.09 -10.67 1.15
C VAL C 45 0.69 -10.38 0.57
N ILE C 46 -0.17 -9.77 1.36
CA ILE C 46 -1.48 -9.32 0.89
C ILE C 46 -1.36 -8.39 -0.34
N GLY C 47 -0.43 -7.43 -0.31
CA GLY C 47 -0.20 -6.53 -1.43
C GLY C 47 0.23 -7.25 -2.69
N GLN C 48 0.88 -8.40 -2.55
CA GLN C 48 1.31 -9.21 -3.69
C GLN C 48 0.16 -10.00 -4.32
N VAL C 49 -0.67 -10.61 -3.48
CA VAL C 49 -1.82 -11.42 -3.98
C VAL C 49 -3.06 -10.57 -4.37
N LEU C 50 -3.10 -9.32 -3.90
CA LEU C 50 -4.14 -8.32 -4.17
C LEU C 50 -3.45 -7.04 -4.71
N PRO C 51 -2.82 -7.12 -5.90
CA PRO C 51 -1.94 -6.05 -6.37
C PRO C 51 -2.61 -4.76 -6.80
N GLU C 52 -3.91 -4.79 -7.08
CA GLU C 52 -4.61 -3.61 -7.58
C GLU C 52 -5.44 -2.91 -6.54
N ALA C 53 -5.31 -3.36 -5.28
CA ALA C 53 -5.97 -2.80 -4.13
C ALA C 53 -4.94 -2.27 -3.17
N THR C 54 -5.28 -1.21 -2.44
CA THR C 54 -4.47 -0.80 -1.32
C THR C 54 -5.13 -1.34 -0.04
N THR C 55 -4.36 -2.10 0.71
CA THR C 55 -4.84 -2.79 1.91
C THR C 55 -4.00 -2.27 3.04
N THR C 56 -4.62 -1.64 4.04
CA THR C 56 -3.89 -1.10 5.21
C THR C 56 -4.04 -1.96 6.49
N ALA C 57 -4.93 -2.94 6.44
CA ALA C 57 -5.24 -3.80 7.59
C ALA C 57 -5.90 -5.12 7.12
N PHE C 58 -6.13 -6.00 8.08
CA PHE C 58 -6.86 -7.20 7.83
C PHE C 58 -7.64 -7.56 9.07
N GLU C 59 -8.62 -8.43 8.86
CA GLU C 59 -9.53 -8.89 9.92
C GLU C 59 -9.42 -10.40 10.14
N TYR C 60 -9.68 -10.82 11.37
CA TYR C 60 -9.94 -12.19 11.70
C TYR C 60 -11.20 -12.29 12.56
N GLU C 61 -11.72 -13.49 12.68
CA GLU C 61 -12.88 -13.74 13.49
CA GLU C 61 -12.90 -13.79 13.48
C GLU C 61 -12.51 -14.27 14.87
N ASP C 62 -13.06 -13.63 15.90
CA ASP C 62 -12.75 -14.05 17.28
C ASP C 62 -13.75 -15.11 17.79
N GLU C 63 -13.66 -15.42 19.10
CA GLU C 63 -14.50 -16.45 19.72
C GLU C 63 -16.01 -16.14 19.71
N ASP C 64 -16.34 -14.86 19.63
CA ASP C 64 -17.71 -14.35 19.57
C ASP C 64 -18.24 -14.28 18.14
N GLY C 65 -17.40 -14.60 17.15
CA GLY C 65 -17.72 -14.47 15.72
C GLY C 65 -17.64 -13.05 15.19
N ASP C 66 -17.01 -12.17 15.97
CA ASP C 66 -16.83 -10.80 15.56
C ASP C 66 -15.62 -10.67 14.64
N ARG C 67 -15.73 -9.78 13.65
CA ARG C 67 -14.54 -9.42 12.82
C ARG C 67 -13.65 -8.42 13.59
N ILE C 68 -12.40 -8.81 13.83
CA ILE C 68 -11.45 -8.04 14.60
C ILE C 68 -10.38 -7.52 13.63
N THR C 69 -10.21 -6.22 13.60
CA THR C 69 -9.32 -5.56 12.68
C THR C 69 -7.92 -5.47 13.35
N VAL C 70 -6.90 -5.81 12.58
CA VAL C 70 -5.50 -5.80 13.03
C VAL C 70 -4.74 -4.70 12.31
N ARG C 71 -4.12 -3.81 13.09
CA ARG C 71 -3.39 -2.66 12.56
C ARG C 71 -1.98 -2.53 13.14
N SER C 72 -1.54 -3.50 13.94
CA SER C 72 -0.23 -3.41 14.61
C SER C 72 0.36 -4.77 14.97
N ASP C 73 1.65 -4.77 15.30
CA ASP C 73 2.28 -5.97 15.82
C ASP C 73 1.69 -6.46 17.15
N GLU C 74 1.33 -5.55 18.04
CA GLU C 74 0.67 -5.92 19.29
C GLU C 74 -0.66 -6.67 19.04
N GLU C 75 -1.42 -6.19 18.08
CA GLU C 75 -2.68 -6.82 17.74
C GLU C 75 -2.42 -8.15 17.06
N MET C 76 -1.35 -8.22 16.25
CA MET C 76 -0.94 -9.51 15.68
C MET C 76 -0.67 -10.54 16.74
N LYS C 77 0.01 -10.15 17.80
CA LYS C 77 0.36 -11.04 18.90
C LYS C 77 -0.93 -11.62 19.51
N ALA C 78 -1.93 -10.78 19.77
CA ALA C 78 -3.19 -11.22 20.38
C ALA C 78 -3.99 -12.15 19.45
N MET C 79 -3.96 -11.86 18.16
CA MET C 79 -4.56 -12.73 17.15
C MET C 79 -3.91 -14.10 17.17
N LEU C 80 -2.58 -14.14 17.04
CA LEU C 80 -1.85 -15.43 17.07
C LEU C 80 -2.09 -16.22 18.35
N SER C 81 -2.13 -15.52 19.49
CA SER C 81 -2.39 -16.16 20.76
C SER C 81 -3.76 -16.88 20.73
N TYR C 82 -4.78 -16.20 20.24
CA TYR C 82 -6.11 -16.74 20.11
C TYR C 82 -6.13 -17.91 19.14
N TYR C 83 -5.51 -17.70 17.99
CA TYR C 83 -5.49 -18.70 16.95
C TYR C 83 -4.87 -19.98 17.54
N TYR C 84 -3.73 -19.86 18.21
CA TYR C 84 -3.06 -21.05 18.74
C TYR C 84 -3.83 -21.74 19.89
N SER C 85 -4.61 -20.97 20.63
CA SER C 85 -5.59 -21.60 21.53
C SER C 85 -6.58 -22.52 20.78
N THR C 86 -7.07 -22.06 19.63
CA THR C 86 -7.99 -22.88 18.80
C THR C 86 -7.30 -24.12 18.24
N VAL C 87 -6.01 -23.99 17.91
CA VAL C 87 -5.22 -25.10 17.40
C VAL C 87 -5.12 -26.15 18.50
N MET C 88 -4.82 -25.72 19.71
CA MET C 88 -4.71 -26.67 20.81
C MET C 88 -6.05 -27.43 21.02
N GLU C 89 -7.16 -26.69 20.97
CA GLU C 89 -8.52 -27.27 21.10
C GLU C 89 -8.82 -28.29 20.00
N GLN C 90 -8.48 -27.94 18.78
CA GLN C 90 -8.66 -28.83 17.64
C GLN C 90 -7.79 -30.10 17.74
N GLN C 91 -6.51 -29.92 18.12
CA GLN C 91 -5.63 -31.07 18.38
C GLN C 91 -6.26 -32.07 19.39
N VAL C 92 -6.76 -31.56 20.51
CA VAL C 92 -7.27 -32.43 21.57
C VAL C 92 -8.59 -33.09 21.19
N ASN C 93 -9.39 -32.42 20.37
CA ASN C 93 -10.69 -32.98 19.95
C ASN C 93 -10.57 -33.83 18.67
N GLY C 94 -9.35 -34.19 18.29
CA GLY C 94 -9.13 -35.02 17.12
C GLY C 94 -9.62 -34.42 15.81
N GLN C 95 -9.58 -33.10 15.71
CA GLN C 95 -9.97 -32.39 14.48
C GLN C 95 -8.74 -32.06 13.64
N LEU C 96 -8.96 -31.80 12.35
CA LEU C 96 -7.87 -31.36 11.47
C LEU C 96 -7.60 -29.88 11.74
N ILE C 97 -6.34 -29.50 11.72
CA ILE C 97 -5.91 -28.13 12.07
C ILE C 97 -6.24 -27.16 10.94
N GLU C 98 -7.16 -26.24 11.20
CA GLU C 98 -7.60 -25.20 10.26
C GLU C 98 -6.54 -24.07 10.22
N PRO C 99 -6.30 -23.48 9.02
CA PRO C 99 -5.36 -22.37 8.91
C PRO C 99 -5.93 -21.13 9.61
N LEU C 100 -5.10 -20.15 9.87
CA LEU C 100 -5.57 -18.89 10.40
C LEU C 100 -6.16 -18.07 9.25
N GLN C 101 -7.45 -17.77 9.30
CA GLN C 101 -8.10 -17.11 8.18
C GLN C 101 -8.18 -15.63 8.41
N ILE C 102 -7.68 -14.86 7.45
CA ILE C 102 -7.74 -13.40 7.51
C ILE C 102 -8.41 -12.82 6.27
N PHE C 103 -8.93 -11.61 6.39
CA PHE C 103 -9.70 -10.94 5.38
C PHE C 103 -9.08 -9.54 5.20
N PRO C 104 -8.50 -9.25 4.03
CA PRO C 104 -7.90 -7.91 3.85
C PRO C 104 -8.97 -6.81 3.95
N ARG C 105 -8.56 -5.63 4.40
CA ARG C 105 -9.43 -4.48 4.65
C ARG C 105 -8.66 -3.25 4.12
N ALA C 106 -9.33 -2.41 3.36
CA ALA C 106 -8.69 -1.16 2.89
C ALA C 106 -8.16 -0.35 4.06
N SER D 12 5.98 -16.85 -37.18
CA SER D 12 5.92 -15.92 -36.02
C SER D 12 4.47 -15.63 -35.63
N SER D 13 4.13 -15.87 -34.37
CA SER D 13 2.83 -15.46 -33.85
C SER D 13 2.93 -14.52 -32.64
N SER D 14 4.05 -13.81 -32.49
CA SER D 14 4.15 -12.77 -31.45
C SER D 14 3.81 -11.40 -32.05
N PRO D 15 3.45 -10.40 -31.20
CA PRO D 15 3.21 -9.00 -31.65
C PRO D 15 4.41 -8.33 -32.32
N LYS D 16 4.14 -7.49 -33.31
CA LYS D 16 5.16 -6.70 -34.00
C LYS D 16 5.14 -5.27 -33.46
N LYS D 17 5.61 -5.08 -32.23
CA LYS D 17 5.61 -3.73 -31.61
C LYS D 17 6.41 -2.71 -32.40
N GLN D 18 5.77 -1.57 -32.67
CA GLN D 18 6.48 -0.36 -33.06
C GLN D 18 6.85 0.46 -31.79
N ASN D 19 7.59 1.55 -31.99
CA ASN D 19 7.91 2.44 -30.87
C ASN D 19 6.63 3.14 -30.31
N ASP D 20 6.42 3.16 -28.98
CA ASP D 20 5.30 3.98 -28.42
C ASP D 20 5.65 5.46 -28.52
N VAL D 21 4.63 6.29 -28.52
CA VAL D 21 4.83 7.75 -28.59
C VAL D 21 4.79 8.27 -27.18
N ARG D 22 5.90 8.86 -26.75
CA ARG D 22 5.99 9.43 -25.43
C ARG D 22 5.34 10.83 -25.43
N VAL D 23 4.31 11.01 -24.64
CA VAL D 23 3.65 12.29 -24.58
C VAL D 23 3.81 13.00 -23.23
N LYS D 24 4.13 14.30 -23.25
CA LYS D 24 4.24 15.12 -22.05
C LYS D 24 3.13 16.16 -22.04
N PHE D 25 2.15 15.91 -21.20
CA PHE D 25 0.97 16.79 -21.04
C PHE D 25 1.30 17.84 -20.01
N GLU D 26 0.74 19.01 -20.20
CA GLU D 26 0.83 20.06 -19.22
C GLU D 26 -0.54 20.69 -18.99
N HIS D 27 -0.89 20.86 -17.72
CA HIS D 27 -2.11 21.56 -17.33
C HIS D 27 -1.92 22.27 -16.01
N ARG D 28 -2.13 23.58 -16.04
CA ARG D 28 -1.99 24.43 -14.87
C ARG D 28 -0.73 24.19 -14.04
N GLY D 29 0.41 24.13 -14.74
CA GLY D 29 1.70 23.98 -14.10
C GLY D 29 2.09 22.55 -13.74
N GLU D 30 1.19 21.58 -13.94
CA GLU D 30 1.49 20.16 -13.72
C GLU D 30 1.78 19.43 -15.03
N LYS D 31 2.88 18.68 -15.05
CA LYS D 31 3.26 17.89 -16.22
C LYS D 31 3.20 16.40 -15.87
N ARG D 32 2.81 15.62 -16.89
CA ARG D 32 2.59 14.20 -16.78
C ARG D 32 3.16 13.57 -18.05
N ILE D 33 3.87 12.44 -17.95
CA ILE D 33 4.30 11.68 -19.13
C ILE D 33 3.63 10.30 -19.21
N LEU D 34 3.06 10.02 -20.38
CA LEU D 34 2.43 8.78 -20.71
C LEU D 34 2.90 8.29 -22.07
N GLN D 35 2.97 6.96 -22.21
CA GLN D 35 3.33 6.37 -23.49
C GLN D 35 2.06 5.91 -24.18
N PHE D 36 1.99 6.24 -25.46
CA PHE D 36 0.87 5.90 -26.28
C PHE D 36 1.25 4.92 -27.36
N PRO D 37 0.50 3.83 -27.47
CA PRO D 37 0.75 2.87 -28.52
C PRO D 37 0.34 3.43 -29.90
N ARG D 38 1.11 3.13 -30.93
CA ARG D 38 0.80 3.56 -32.28
C ARG D 38 -0.24 2.66 -32.94
N PRO D 39 -1.04 3.22 -33.88
CA PRO D 39 -1.08 4.66 -34.22
C PRO D 39 -1.83 5.44 -33.17
N VAL D 40 -1.35 6.62 -32.85
CA VAL D 40 -1.96 7.42 -31.79
C VAL D 40 -3.10 8.24 -32.39
N LYS D 41 -4.21 8.31 -31.67
CA LYS D 41 -5.39 9.09 -32.09
C LYS D 41 -5.68 10.24 -31.16
N LEU D 42 -6.21 11.34 -31.70
CA LEU D 42 -6.59 12.46 -30.87
C LEU D 42 -7.46 12.08 -29.71
N GLU D 43 -8.46 11.22 -29.95
CA GLU D 43 -9.42 10.85 -28.90
C GLU D 43 -8.72 10.05 -27.76
N ASP D 44 -7.69 9.28 -28.12
CA ASP D 44 -6.85 8.61 -27.09
C ASP D 44 -6.19 9.62 -26.19
N LEU D 45 -5.56 10.63 -26.80
CA LEU D 45 -4.95 11.71 -26.04
C LEU D 45 -6.00 12.41 -25.19
N ARG D 46 -7.18 12.71 -25.77
CA ARG D 46 -8.21 13.42 -25.00
C ARG D 46 -8.70 12.65 -23.78
N SER D 47 -8.99 11.36 -24.01
CA SER D 47 -9.47 10.49 -22.96
C SER D 47 -8.45 10.24 -21.86
N LYS D 48 -7.15 10.08 -22.22
CA LYS D 48 -6.11 9.93 -21.19
C LYS D 48 -5.91 11.26 -20.43
N ALA D 49 -6.05 12.38 -21.12
CA ALA D 49 -5.96 13.70 -20.46
C ALA D 49 -7.11 13.90 -19.50
N LYS D 50 -8.28 13.33 -19.82
CA LYS D 50 -9.43 13.38 -18.91
C LYS D 50 -9.22 12.55 -17.65
N ILE D 51 -8.66 11.36 -17.82
CA ILE D 51 -8.28 10.53 -16.70
C ILE D 51 -7.27 11.22 -15.80
N ALA D 52 -6.31 11.91 -16.44
CA ALA D 52 -5.19 12.53 -15.75
C ALA D 52 -5.57 13.81 -15.00
N PHE D 53 -6.51 14.61 -15.52
CA PHE D 53 -6.80 15.93 -14.94
C PHE D 53 -8.28 16.15 -14.58
N GLY D 54 -9.12 15.15 -14.87
CA GLY D 54 -10.51 15.16 -14.42
C GLY D 54 -11.51 15.90 -15.29
N GLN D 55 -11.05 16.47 -16.39
CA GLN D 55 -11.93 17.24 -17.28
C GLN D 55 -11.64 17.00 -18.75
N SER D 56 -12.63 17.24 -19.60
CA SER D 56 -12.42 17.19 -21.04
C SER D 56 -11.56 18.41 -21.44
N MET D 57 -10.47 18.18 -22.17
CA MET D 57 -9.51 19.24 -22.53
C MET D 57 -9.46 19.54 -24.05
N ASP D 58 -9.18 20.80 -24.36
CA ASP D 58 -8.66 21.20 -25.67
C ASP D 58 -7.18 20.89 -25.73
N LEU D 59 -6.70 20.39 -26.86
CA LEU D 59 -5.33 19.95 -26.98
C LEU D 59 -4.53 20.86 -27.91
N HIS D 60 -3.35 21.29 -27.47
CA HIS D 60 -2.46 22.19 -28.23
C HIS D 60 -1.08 21.59 -28.24
N TYR D 61 -0.51 21.47 -29.42
CA TYR D 61 0.85 21.12 -29.58
C TYR D 61 1.77 22.30 -29.25
N THR D 62 2.88 21.98 -28.60
CA THR D 62 3.86 23.01 -28.29
C THR D 62 5.29 22.59 -28.59
N ASN D 63 6.06 23.49 -29.17
CA ASN D 63 7.49 23.29 -29.33
C ASN D 63 8.19 24.61 -29.12
N ASN D 64 8.98 24.66 -28.05
CA ASN D 64 9.63 25.89 -27.61
C ASN D 64 8.62 27.05 -27.48
N GLU D 65 8.67 28.02 -28.40
CA GLU D 65 7.77 29.19 -28.35
C GLU D 65 6.44 29.00 -29.11
N LEU D 66 6.37 27.98 -29.95
CA LEU D 66 5.23 27.71 -30.81
C LEU D 66 4.12 26.97 -30.04
N VAL D 67 2.87 27.42 -30.24
CA VAL D 67 1.69 26.69 -29.75
C VAL D 67 0.68 26.65 -30.88
N ILE D 68 0.10 25.49 -31.13
CA ILE D 68 -0.92 25.33 -32.17
C ILE D 68 -2.00 24.34 -31.73
N PRO D 69 -3.29 24.68 -31.93
CA PRO D 69 -4.32 23.70 -31.53
C PRO D 69 -4.23 22.46 -32.39
N LEU D 70 -4.48 21.31 -31.77
CA LEU D 70 -4.61 20.05 -32.48
C LEU D 70 -6.08 19.68 -32.48
N THR D 71 -6.74 19.79 -33.63
CA THR D 71 -8.18 19.63 -33.71
C THR D 71 -8.66 18.40 -34.54
N THR D 72 -7.81 17.93 -35.48
CA THR D 72 -8.13 16.77 -36.30
C THR D 72 -7.04 15.69 -36.17
N GLN D 73 -7.36 14.48 -36.63
CA GLN D 73 -6.36 13.39 -36.66
C GLN D 73 -5.15 13.80 -37.49
N ASP D 74 -5.38 14.46 -38.61
CA ASP D 74 -4.27 14.94 -39.42
C ASP D 74 -3.31 15.89 -38.73
N ASP D 75 -3.84 16.77 -37.89
CA ASP D 75 -3.02 17.70 -37.14
C ASP D 75 -2.03 16.92 -36.23
N LEU D 76 -2.57 15.89 -35.58
CA LEU D 76 -1.76 15.11 -34.63
C LEU D 76 -0.70 14.33 -35.42
N ASP D 77 -1.12 13.73 -36.52
CA ASP D 77 -0.21 12.96 -37.38
C ASP D 77 0.98 13.81 -37.76
N LYS D 78 0.71 15.07 -38.16
CA LYS D 78 1.80 16.00 -38.42
C LYS D 78 2.72 16.14 -37.23
N ALA D 79 2.16 16.30 -36.02
CA ALA D 79 2.99 16.47 -34.80
C ALA D 79 3.81 15.23 -34.42
N VAL D 80 3.22 14.05 -34.59
CA VAL D 80 3.98 12.83 -34.34
C VAL D 80 5.16 12.71 -35.35
N GLU D 81 4.91 13.02 -36.63
CA GLU D 81 5.98 13.04 -37.64
C GLU D 81 7.14 13.94 -37.21
N LEU D 82 6.82 15.17 -36.82
CA LEU D 82 7.87 16.07 -36.32
C LEU D 82 8.65 15.42 -35.18
N LEU D 83 7.96 14.83 -34.20
CA LEU D 83 8.63 14.16 -33.09
C LEU D 83 9.54 13.02 -33.57
N ASP D 84 9.05 12.22 -34.51
CA ASP D 84 9.81 11.06 -34.98
C ASP D 84 11.08 11.44 -35.77
N ARG D 85 11.07 12.61 -36.41
CA ARG D 85 12.27 13.06 -37.17
C ARG D 85 13.19 13.93 -36.30
N SER D 86 12.74 14.28 -35.10
CA SER D 86 13.46 15.18 -34.20
C SER D 86 14.39 14.46 -33.21
N ILE D 87 15.65 14.25 -33.61
CA ILE D 87 16.71 13.71 -32.73
C ILE D 87 16.92 14.47 -31.41
N HIS D 88 16.44 15.71 -31.32
CA HIS D 88 16.60 16.55 -30.12
C HIS D 88 15.39 16.50 -29.16
N MET D 89 14.28 15.89 -29.60
CA MET D 89 13.06 15.80 -28.79
C MET D 89 12.73 14.33 -28.53
N LYS D 90 12.37 14.07 -27.28
CA LYS D 90 12.14 12.74 -26.85
C LYS D 90 10.66 12.58 -26.38
N SER D 91 9.90 13.68 -26.35
CA SER D 91 8.44 13.61 -26.09
C SER D 91 7.64 14.60 -26.94
N LEU D 92 6.37 14.26 -27.14
CA LEU D 92 5.40 15.14 -27.80
C LEU D 92 4.74 16.00 -26.71
N LYS D 93 4.95 17.31 -26.79
CA LYS D 93 4.46 18.22 -25.76
C LYS D 93 3.08 18.77 -26.09
N ILE D 94 2.13 18.49 -25.19
CA ILE D 94 0.74 18.84 -25.38
C ILE D 94 0.28 19.65 -24.20
N LEU D 95 -0.11 20.88 -24.49
CA LEU D 95 -0.66 21.75 -23.52
C LEU D 95 -2.19 21.53 -23.50
N LEU D 96 -2.75 21.39 -22.31
CA LEU D 96 -4.16 21.11 -22.10
C LEU D 96 -4.88 22.37 -21.55
N VAL D 97 -5.96 22.73 -22.20
CA VAL D 97 -6.81 23.85 -21.74
C VAL D 97 -8.23 23.34 -21.56
N ILE D 98 -8.88 23.71 -20.46
CA ILE D 98 -10.21 23.17 -20.15
C ILE D 98 -11.23 23.53 -21.23
N ASN D 99 -11.89 22.48 -21.74
CA ASN D 99 -12.98 22.56 -22.72
C ASN D 99 -12.71 21.66 -23.91
#